data_6JRC
#
_entry.id   6JRC
#
_cell.length_a   74.575
_cell.length_b   89.887
_cell.length_c   112.996
_cell.angle_alpha   90.00
_cell.angle_beta   90.00
_cell.angle_gamma   90.00
#
_symmetry.space_group_name_H-M   'P 21 21 21'
#
loop_
_entity.id
_entity.type
_entity.pdbx_description
1 polymer 'Zearalenone hydrolase'
2 non-polymer '2-[(~{E},6~{R},10~{S})-6,10-bis(oxidanyl)undec-1-enyl]-4,6-bis(oxidanyl)benzoic acid'
3 non-polymer GLYCEROL
4 non-polymer 'POTASSIUM ION'
5 water water
#
_entity_poly.entity_id   1
_entity_poly.type   'polypeptide(L)'
_entity_poly.pdbx_seq_one_letter_code
;MRTRSTISTPNGITWYYEQEGTGPDIVLVPDGLGECQMFDSSVSQIAAQGFRVTTFDMPGMSRSAKAPAETYTEVTAQKL
ASYVISILDALDIKHATVWGCSSGASTVVALLLGYPDRIRNAMCHELPTKLLDHLSNTAVLEDEEISNILANVMLNDVSG
GSEAWQALGVEVHARLHKNYPVWARGYPRTIPPSAPVQDVEALRGKPLDWTVGAATPTESFFDNIVTATKAGVNIGLLPG
MHFPYVSHPDVFAKYVVETTQKHLWNSSSVDKLAAALEHHHHHH
;
_entity_poly.pdbx_strand_id   A,B
#
loop_
_chem_comp.id
_chem_comp.type
_chem_comp.name
_chem_comp.formula
C3L non-polymer '2-[(~{E},6~{R},10~{S})-6,10-bis(oxidanyl)undec-1-enyl]-4,6-bis(oxidanyl)benzoic acid' 'C18 H26 O6'
GOL non-polymer GLYCEROL 'C3 H8 O3'
K non-polymer 'POTASSIUM ION' 'K 1'
#
# COMPACT_ATOMS: atom_id res chain seq x y z
N MET A 1 -18.83 10.77 32.82
CA MET A 1 -19.37 11.69 31.82
C MET A 1 -19.96 10.91 30.60
N ARG A 2 -19.77 9.61 30.59
CA ARG A 2 -20.22 8.75 29.44
C ARG A 2 -21.66 8.30 29.73
N THR A 3 -22.57 8.55 28.81
CA THR A 3 -23.90 7.94 28.84
C THR A 3 -23.82 6.60 28.13
N ARG A 4 -24.29 5.56 28.78
CA ARG A 4 -24.32 4.21 28.22
C ARG A 4 -25.75 3.73 28.33
N SER A 5 -26.41 3.54 27.23
CA SER A 5 -27.88 3.34 27.25
C SER A 5 -28.33 2.58 26.03
N THR A 6 -29.64 2.43 25.89
CA THR A 6 -30.24 1.76 24.73
C THR A 6 -31.33 2.62 24.13
N ILE A 7 -31.63 2.38 22.88
CA ILE A 7 -32.68 3.10 22.15
C ILE A 7 -33.23 2.17 21.11
N SER A 8 -34.56 2.19 20.93
CA SER A 8 -35.25 1.30 20.00
C SER A 8 -35.72 2.08 18.78
N THR A 9 -35.41 1.58 17.60
CA THR A 9 -35.83 2.22 16.33
C THR A 9 -36.92 1.38 15.67
N PRO A 10 -37.75 2.02 14.85
CA PRO A 10 -38.95 1.30 14.35
C PRO A 10 -38.69 0.27 13.25
N ASN A 11 -37.45 0.08 12.84
CA ASN A 11 -36.97 -1.04 12.04
C ASN A 11 -36.78 -2.29 12.89
N GLY A 12 -37.08 -2.23 14.20
CA GLY A 12 -37.01 -3.43 15.04
C GLY A 12 -35.74 -3.55 15.83
N ILE A 13 -34.79 -2.64 15.68
CA ILE A 13 -33.48 -2.74 16.38
C ILE A 13 -33.58 -2.04 17.75
N THR A 14 -33.06 -2.73 18.78
CA THR A 14 -32.75 -2.09 20.09
C THR A 14 -31.23 -1.96 20.13
N TRP A 15 -30.77 -0.74 20.01
CA TRP A 15 -29.34 -0.42 19.94
C TRP A 15 -28.79 -0.22 21.33
N TYR A 16 -27.58 -0.73 21.57
CA TYR A 16 -26.73 -0.24 22.65
C TYR A 16 -25.91 0.92 22.12
N TYR A 17 -25.87 2.03 22.83
CA TYR A 17 -25.10 3.21 22.36
C TYR A 17 -24.42 3.89 23.51
N GLU A 18 -23.42 4.70 23.20
CA GLU A 18 -22.73 5.52 24.19
C GLU A 18 -22.62 6.91 23.64
N GLN A 19 -22.64 7.90 24.54
CA GLN A 19 -22.47 9.31 24.14
C GLN A 19 -21.68 10.03 25.20
N GLU A 20 -20.81 10.95 24.75
CA GLU A 20 -20.05 11.78 25.71
C GLU A 20 -19.90 13.15 25.07
N GLY A 21 -19.95 14.22 25.89
CA GLY A 21 -19.61 15.54 25.38
C GLY A 21 -20.77 16.39 24.95
N THR A 22 -20.43 17.65 24.66
N THR A 22 -20.50 17.67 24.73
CA THR A 22 -21.33 18.68 24.16
CA THR A 22 -21.43 18.60 24.07
C THR A 22 -20.64 19.42 23.01
C THR A 22 -20.65 19.38 23.01
N GLY A 23 -21.38 19.69 21.95
CA GLY A 23 -20.83 20.39 20.79
C GLY A 23 -21.34 19.75 19.51
N PRO A 24 -20.71 20.11 18.37
CA PRO A 24 -21.03 19.47 17.09
C PRO A 24 -20.91 17.93 17.19
N ASP A 25 -21.79 17.24 16.49
CA ASP A 25 -21.90 15.78 16.60
C ASP A 25 -20.80 15.10 15.75
N ILE A 26 -20.14 14.14 16.39
CA ILE A 26 -19.21 13.18 15.74
C ILE A 26 -19.73 11.80 16.07
N VAL A 27 -19.88 10.96 15.05
CA VAL A 27 -20.46 9.60 15.18
C VAL A 27 -19.40 8.60 14.70
N LEU A 28 -19.09 7.65 15.55
CA LEU A 28 -18.08 6.61 15.26
C LEU A 28 -18.78 5.29 14.95
N VAL A 29 -18.80 4.94 13.69
CA VAL A 29 -19.46 3.69 13.26
C VAL A 29 -18.44 2.56 13.34
N PRO A 30 -18.74 1.44 14.02
CA PRO A 30 -17.81 0.33 14.05
C PRO A 30 -17.55 -0.33 12.69
N ASP A 31 -16.42 -1.04 12.67
CA ASP A 31 -16.13 -1.99 11.60
C ASP A 31 -17.14 -3.14 11.69
N GLY A 32 -17.01 -4.12 10.81
CA GLY A 32 -18.01 -5.17 10.74
C GLY A 32 -18.20 -5.97 12.03
N LEU A 33 -17.18 -5.99 12.91
CA LEU A 33 -17.40 -6.72 14.19
C LEU A 33 -18.39 -6.00 15.10
N GLY A 34 -18.73 -4.74 14.82
CA GLY A 34 -19.89 -4.08 15.44
C GLY A 34 -19.75 -3.75 16.89
N GLU A 35 -18.54 -3.62 17.41
CA GLU A 35 -18.22 -3.57 18.84
C GLU A 35 -17.71 -2.17 19.19
N CYS A 36 -18.53 -1.35 19.82
CA CYS A 36 -18.12 0.04 20.08
C CYS A 36 -17.20 0.25 21.28
N GLN A 37 -16.94 -0.76 22.09
CA GLN A 37 -15.96 -0.58 23.18
C GLN A 37 -14.55 -0.36 22.58
N MET A 38 -14.36 -0.69 21.32
CA MET A 38 -13.09 -0.37 20.64
C MET A 38 -12.81 1.13 20.58
N PHE A 39 -13.83 1.98 20.70
CA PHE A 39 -13.66 3.42 20.64
C PHE A 39 -13.52 4.06 22.03
N ASP A 40 -13.54 3.29 23.12
CA ASP A 40 -13.68 3.86 24.50
C ASP A 40 -12.69 4.98 24.76
N SER A 41 -11.39 4.73 24.56
CA SER A 41 -10.39 5.78 24.87
C SER A 41 -10.56 7.01 23.98
N SER A 42 -10.82 6.77 22.71
N SER A 42 -10.81 6.79 22.71
CA SER A 42 -10.90 7.86 21.71
CA SER A 42 -10.88 7.91 21.75
C SER A 42 -12.15 8.71 21.97
C SER A 42 -12.15 8.73 22.00
N VAL A 43 -13.25 8.12 22.42
CA VAL A 43 -14.48 8.88 22.63
C VAL A 43 -14.21 10.00 23.66
N SER A 44 -13.53 9.66 24.74
CA SER A 44 -13.23 10.68 25.77
C SER A 44 -12.30 11.77 25.23
N GLN A 45 -11.32 11.35 24.45
CA GLN A 45 -10.31 12.32 23.94
C GLN A 45 -10.96 13.27 22.94
N ILE A 46 -11.85 12.75 22.07
CA ILE A 46 -12.53 13.57 21.08
C ILE A 46 -13.52 14.50 21.80
N ALA A 47 -14.34 13.98 22.69
CA ALA A 47 -15.39 14.78 23.34
C ALA A 47 -14.70 15.95 24.09
N ALA A 48 -13.56 15.70 24.66
CA ALA A 48 -12.81 16.72 25.47
C ALA A 48 -12.48 17.94 24.60
N GLN A 49 -12.49 17.83 23.28
CA GLN A 49 -12.16 18.98 22.41
C GLN A 49 -13.41 19.75 22.02
N GLY A 50 -14.56 19.50 22.63
CA GLY A 50 -15.79 20.26 22.39
C GLY A 50 -16.69 19.66 21.35
N PHE A 51 -16.87 18.35 21.40
CA PHE A 51 -17.79 17.63 20.49
C PHE A 51 -18.69 16.73 21.32
N ARG A 52 -19.86 16.48 20.82
CA ARG A 52 -20.74 15.40 21.30
C ARG A 52 -20.44 14.14 20.44
N VAL A 53 -19.90 13.13 21.07
CA VAL A 53 -19.48 11.90 20.36
C VAL A 53 -20.47 10.80 20.69
N THR A 54 -20.97 10.16 19.65
CA THR A 54 -21.92 9.04 19.75
C THR A 54 -21.30 7.81 19.06
N THR A 55 -21.42 6.67 19.68
CA THR A 55 -21.09 5.40 19.03
C THR A 55 -22.08 4.34 19.51
N PHE A 56 -22.05 3.17 18.87
CA PHE A 56 -23.09 2.16 19.15
C PHE A 56 -22.57 0.82 18.66
N ASP A 57 -23.10 -0.24 19.23
CA ASP A 57 -22.88 -1.58 18.67
C ASP A 57 -23.77 -1.74 17.46
N MET A 58 -23.32 -2.49 16.46
CA MET A 58 -24.08 -2.60 15.21
C MET A 58 -25.15 -3.69 15.32
N PRO A 59 -26.19 -3.63 14.46
CA PRO A 59 -27.31 -4.56 14.62
C PRO A 59 -26.90 -6.02 14.56
N GLY A 60 -27.42 -6.83 15.50
CA GLY A 60 -27.03 -8.22 15.58
C GLY A 60 -25.74 -8.49 16.30
N MET A 61 -24.94 -7.45 16.62
CA MET A 61 -23.60 -7.58 17.21
C MET A 61 -23.60 -7.10 18.65
N SER A 62 -22.80 -7.79 19.47
CA SER A 62 -22.54 -7.36 20.84
C SER A 62 -23.87 -7.02 21.55
N ARG A 63 -24.01 -5.82 22.09
CA ARG A 63 -25.15 -5.43 22.90
C ARG A 63 -26.30 -4.89 22.06
N SER A 64 -26.17 -4.86 20.73
CA SER A 64 -27.26 -4.49 19.79
C SER A 64 -27.81 -5.74 19.12
N ALA A 65 -27.76 -6.87 19.81
CA ALA A 65 -28.21 -8.17 19.26
C ALA A 65 -29.74 -8.26 19.13
N LYS A 66 -30.51 -7.48 19.86
CA LYS A 66 -31.97 -7.47 19.72
C LYS A 66 -32.37 -6.74 18.46
N ALA A 67 -32.39 -7.50 17.35
CA ALA A 67 -32.59 -6.94 15.99
C ALA A 67 -33.14 -8.06 15.12
N PRO A 68 -33.93 -7.69 14.13
CA PRO A 68 -34.45 -8.65 13.16
C PRO A 68 -33.33 -9.23 12.30
N ALA A 69 -33.54 -10.46 11.81
CA ALA A 69 -32.49 -11.18 11.08
C ALA A 69 -32.09 -10.42 9.79
N GLU A 70 -32.99 -9.66 9.21
CA GLU A 70 -32.61 -8.95 7.96
C GLU A 70 -31.52 -7.92 8.23
N THR A 71 -31.40 -7.44 9.47
CA THR A 71 -30.39 -6.37 9.76
C THR A 71 -28.99 -6.94 9.87
N TYR A 72 -28.80 -8.24 9.99
CA TYR A 72 -27.47 -8.86 10.13
C TYR A 72 -27.25 -10.02 9.15
N THR A 73 -28.13 -10.10 8.14
CA THR A 73 -27.92 -11.05 7.03
C THR A 73 -27.99 -10.29 5.71
N GLU A 74 -27.24 -10.79 4.74
CA GLU A 74 -27.20 -10.18 3.38
C GLU A 74 -27.01 -8.66 3.56
N VAL A 75 -25.99 -8.32 4.36
CA VAL A 75 -25.78 -6.91 4.71
C VAL A 75 -25.05 -6.16 3.59
N THR A 76 -25.56 -4.98 3.31
CA THR A 76 -25.00 -4.07 2.30
C THR A 76 -24.67 -2.73 2.96
N ALA A 77 -23.84 -1.94 2.30
CA ALA A 77 -23.58 -0.55 2.72
C ALA A 77 -24.88 0.24 2.85
N GLN A 78 -25.80 0.03 1.93
CA GLN A 78 -27.06 0.80 1.86
C GLN A 78 -27.98 0.40 3.01
N LYS A 79 -28.02 -0.87 3.37
CA LYS A 79 -28.78 -1.30 4.55
C LYS A 79 -28.19 -0.66 5.81
N LEU A 80 -26.85 -0.75 5.94
CA LEU A 80 -26.23 -0.19 7.16
C LEU A 80 -26.45 1.31 7.25
N ALA A 81 -26.36 2.04 6.15
CA ALA A 81 -26.58 3.49 6.14
C ALA A 81 -28.01 3.81 6.61
N SER A 82 -28.99 3.03 6.14
N SER A 82 -28.99 3.05 6.13
CA SER A 82 -30.39 3.23 6.58
CA SER A 82 -30.38 3.24 6.58
C SER A 82 -30.48 3.02 8.10
C SER A 82 -30.45 3.04 8.11
N TYR A 83 -29.78 2.04 8.64
CA TYR A 83 -29.84 1.74 10.08
C TYR A 83 -29.18 2.86 10.86
N VAL A 84 -28.03 3.35 10.41
CA VAL A 84 -27.39 4.43 11.13
C VAL A 84 -28.29 5.69 11.10
N ILE A 85 -28.91 5.98 9.97
CA ILE A 85 -29.79 7.19 9.95
C ILE A 85 -30.93 6.94 10.95
N SER A 86 -31.43 5.73 11.12
CA SER A 86 -32.54 5.46 12.07
C SER A 86 -32.10 5.80 13.50
N ILE A 87 -30.85 5.46 13.89
CA ILE A 87 -30.39 5.80 15.27
C ILE A 87 -30.10 7.29 15.40
N LEU A 88 -29.55 7.92 14.38
CA LEU A 88 -29.35 9.36 14.43
C LEU A 88 -30.72 10.05 14.58
N ASP A 89 -31.71 9.62 13.82
CA ASP A 89 -33.07 10.19 13.98
C ASP A 89 -33.52 10.02 15.43
N ALA A 90 -33.35 8.83 16.00
CA ALA A 90 -33.86 8.52 17.34
C ALA A 90 -33.16 9.34 18.41
N LEU A 91 -31.89 9.71 18.20
CA LEU A 91 -31.09 10.50 19.13
C LEU A 91 -31.18 11.99 18.80
N ASP A 92 -31.98 12.34 17.80
CA ASP A 92 -32.16 13.75 17.32
C ASP A 92 -30.80 14.38 16.98
N ILE A 93 -29.98 13.62 16.26
CA ILE A 93 -28.71 14.12 15.66
C ILE A 93 -29.01 14.49 14.23
N LYS A 94 -29.13 15.78 13.99
CA LYS A 94 -29.54 16.24 12.65
C LYS A 94 -28.36 16.36 11.68
N HIS A 95 -27.22 16.81 12.19
N HIS A 95 -27.18 16.75 12.18
CA HIS A 95 -26.00 17.01 11.37
CA HIS A 95 -26.00 17.01 11.32
C HIS A 95 -24.87 16.27 12.07
C HIS A 95 -24.75 16.42 11.98
N ALA A 96 -24.15 15.43 11.35
CA ALA A 96 -23.04 14.67 11.99
C ALA A 96 -21.85 14.58 11.06
N THR A 97 -20.70 14.60 11.70
CA THR A 97 -19.42 14.11 11.14
C THR A 97 -19.43 12.61 11.45
N VAL A 98 -19.04 11.78 10.47
CA VAL A 98 -19.04 10.32 10.68
C VAL A 98 -17.70 9.72 10.33
N TRP A 99 -17.34 8.70 11.11
CA TRP A 99 -16.15 7.85 10.88
C TRP A 99 -16.62 6.43 10.66
N GLY A 100 -15.94 5.73 9.75
CA GLY A 100 -16.12 4.27 9.71
C GLY A 100 -14.95 3.56 9.03
N CYS A 101 -14.65 2.37 9.53
CA CYS A 101 -13.65 1.44 8.93
C CYS A 101 -14.38 0.23 8.38
N SER A 102 -13.88 -0.30 7.29
CA SER A 102 -14.36 -1.62 6.80
C SER A 102 -15.80 -1.46 6.31
N SER A 103 -16.72 -2.30 6.72
CA SER A 103 -18.13 -2.09 6.41
C SER A 103 -18.63 -0.76 6.93
N GLY A 104 -18.03 -0.23 7.99
CA GLY A 104 -18.32 1.11 8.48
C GLY A 104 -17.86 2.16 7.49
N ALA A 105 -16.76 1.93 6.79
CA ALA A 105 -16.32 2.84 5.70
C ALA A 105 -17.36 2.84 4.58
N SER A 106 -17.80 1.66 4.17
CA SER A 106 -18.83 1.63 3.12
C SER A 106 -20.06 2.37 3.61
N THR A 107 -20.43 2.18 4.86
CA THR A 107 -21.60 2.81 5.48
C THR A 107 -21.47 4.34 5.41
N VAL A 108 -20.33 4.90 5.84
CA VAL A 108 -20.21 6.36 5.89
C VAL A 108 -20.19 6.98 4.49
N VAL A 109 -19.64 6.30 3.49
CA VAL A 109 -19.70 6.85 2.11
C VAL A 109 -21.14 6.81 1.63
N ALA A 110 -21.85 5.72 1.86
CA ALA A 110 -23.28 5.60 1.52
C ALA A 110 -24.08 6.66 2.24
N LEU A 111 -23.76 6.97 3.51
CA LEU A 111 -24.43 8.04 4.25
C LEU A 111 -24.19 9.39 3.58
N LEU A 112 -22.95 9.69 3.23
CA LEU A 112 -22.60 11.03 2.69
C LEU A 112 -23.32 11.16 1.33
N LEU A 113 -23.33 10.14 0.52
CA LEU A 113 -23.93 10.23 -0.86
C LEU A 113 -25.44 10.24 -0.73
N GLY A 114 -25.98 9.42 0.16
CA GLY A 114 -27.43 9.18 0.22
C GLY A 114 -28.14 10.22 1.04
N TYR A 115 -27.51 10.83 2.02
CA TYR A 115 -28.14 11.71 3.01
C TYR A 115 -27.27 12.92 3.18
N PRO A 116 -26.99 13.70 2.09
CA PRO A 116 -26.01 14.77 2.15
C PRO A 116 -26.36 15.85 3.13
N ASP A 117 -27.67 16.09 3.35
CA ASP A 117 -28.09 17.14 4.28
C ASP A 117 -27.75 16.76 5.71
N ARG A 118 -27.53 15.47 5.97
CA ARG A 118 -27.33 14.95 7.35
C ARG A 118 -25.83 14.88 7.70
N ILE A 119 -24.96 14.87 6.70
CA ILE A 119 -23.53 14.49 6.92
C ILE A 119 -22.65 15.67 6.63
N ARG A 120 -22.01 16.19 7.67
CA ARG A 120 -21.05 17.29 7.55
C ARG A 120 -19.83 16.87 6.74
N ASN A 121 -19.28 15.71 7.09
CA ASN A 121 -18.09 15.19 6.42
C ASN A 121 -17.96 13.74 6.92
N ALA A 122 -17.32 12.92 6.09
CA ALA A 122 -17.13 11.49 6.38
C ALA A 122 -15.67 11.15 6.27
N MET A 123 -15.22 10.37 7.23
CA MET A 123 -13.85 9.76 7.25
C MET A 123 -14.06 8.26 7.03
N CYS A 124 -13.46 7.74 5.96
CA CYS A 124 -13.56 6.29 5.64
C CYS A 124 -12.16 5.70 5.68
N HIS A 125 -12.07 4.53 6.24
CA HIS A 125 -10.80 3.79 6.40
C HIS A 125 -10.96 2.39 5.87
N GLU A 126 -10.09 1.99 4.96
CA GLU A 126 -9.99 0.59 4.50
C GLU A 126 -11.38 0.05 4.09
N LEU A 127 -11.87 0.59 3.01
CA LEU A 127 -13.21 0.29 2.47
C LEU A 127 -13.16 -0.94 1.58
N PRO A 128 -13.88 -2.00 1.92
CA PRO A 128 -13.77 -3.26 1.15
C PRO A 128 -14.56 -3.22 -0.16
N THR A 129 -13.86 -3.50 -1.26
CA THR A 129 -14.51 -3.47 -2.61
C THR A 129 -14.30 -4.80 -3.33
N LYS A 130 -13.53 -5.70 -2.78
CA LYS A 130 -13.24 -7.02 -3.44
C LYS A 130 -13.76 -8.16 -2.64
N LEU A 131 -14.38 -9.12 -3.33
CA LEU A 131 -14.71 -10.40 -2.71
C LEU A 131 -13.44 -11.17 -2.41
N LEU A 132 -13.33 -11.73 -1.23
CA LEU A 132 -12.21 -12.61 -0.85
C LEU A 132 -12.81 -14.01 -0.59
N ASP A 133 -12.59 -14.95 -1.50
CA ASP A 133 -13.24 -16.29 -1.37
C ASP A 133 -12.86 -16.94 -0.04
N HIS A 134 -11.64 -16.77 0.43
CA HIS A 134 -11.19 -17.46 1.68
C HIS A 134 -11.99 -16.91 2.88
N LEU A 135 -12.43 -15.66 2.85
CA LEU A 135 -13.30 -15.16 3.96
C LEU A 135 -14.76 -15.49 3.69
N SER A 136 -15.23 -15.36 2.44
CA SER A 136 -16.59 -15.75 2.08
C SER A 136 -16.82 -17.22 2.51
N ASN A 137 -15.81 -18.05 2.32
CA ASN A 137 -16.00 -19.52 2.57
C ASN A 137 -16.10 -19.84 4.08
N THR A 138 -15.72 -18.94 4.99
CA THR A 138 -15.92 -19.20 6.44
C THR A 138 -17.42 -19.29 6.77
N ALA A 139 -18.33 -18.80 5.92
CA ALA A 139 -19.77 -18.68 6.25
C ALA A 139 -20.40 -20.06 6.38
N VAL A 140 -19.81 -21.08 5.78
CA VAL A 140 -20.44 -22.43 5.80
C VAL A 140 -19.84 -23.27 6.92
N LEU A 141 -18.86 -22.76 7.68
CA LEU A 141 -18.24 -23.54 8.79
C LEU A 141 -19.14 -23.49 10.03
N GLU A 142 -18.82 -24.33 11.02
CA GLU A 142 -19.50 -24.30 12.33
C GLU A 142 -19.06 -23.02 13.07
N ASP A 143 -19.91 -22.56 13.96
CA ASP A 143 -19.68 -21.32 14.75
C ASP A 143 -18.32 -21.36 15.43
N GLU A 144 -17.95 -22.46 16.11
CA GLU A 144 -16.68 -22.49 16.86
C GLU A 144 -15.46 -22.38 15.95
N GLU A 145 -15.51 -23.02 14.78
N GLU A 145 -15.47 -22.99 14.76
CA GLU A 145 -14.45 -22.94 13.76
CA GLU A 145 -14.34 -22.87 13.84
C GLU A 145 -14.32 -21.46 13.32
C GLU A 145 -14.30 -21.45 13.23
N ILE A 146 -15.44 -20.84 12.96
CA ILE A 146 -15.46 -19.43 12.46
C ILE A 146 -14.80 -18.55 13.52
N SER A 147 -15.23 -18.64 14.78
CA SER A 147 -14.66 -17.77 15.84
C SER A 147 -13.18 -18.02 16.00
N ASN A 148 -12.73 -19.28 15.98
CA ASN A 148 -11.28 -19.53 16.10
C ASN A 148 -10.48 -18.96 14.93
N ILE A 149 -10.94 -19.14 13.70
CA ILE A 149 -10.24 -18.64 12.50
C ILE A 149 -10.20 -17.09 12.57
N LEU A 150 -11.35 -16.48 12.80
CA LEU A 150 -11.37 -14.98 12.68
C LEU A 150 -10.74 -14.33 13.88
N ALA A 151 -10.82 -14.88 15.09
CA ALA A 151 -10.12 -14.32 16.26
C ALA A 151 -8.63 -14.29 15.95
N ASN A 152 -8.11 -15.33 15.31
CA ASN A 152 -6.67 -15.41 15.00
C ASN A 152 -6.31 -14.40 13.91
N VAL A 153 -7.14 -14.22 12.90
CA VAL A 153 -6.92 -13.24 11.80
C VAL A 153 -6.82 -11.85 12.47
N MET A 154 -7.74 -11.54 13.37
CA MET A 154 -7.75 -10.17 13.94
C MET A 154 -6.50 -9.99 14.77
N LEU A 155 -6.16 -10.97 15.62
CA LEU A 155 -5.03 -10.79 16.55
C LEU A 155 -3.72 -10.72 15.79
N ASN A 156 -3.49 -11.65 14.90
CA ASN A 156 -2.15 -11.86 14.31
C ASN A 156 -1.96 -11.23 12.94
N ASP A 157 -3.01 -10.90 12.21
CA ASP A 157 -2.86 -10.46 10.80
C ASP A 157 -3.20 -8.96 10.66
N VAL A 158 -4.28 -8.47 11.27
CA VAL A 158 -4.80 -7.13 10.88
C VAL A 158 -5.05 -6.20 12.06
N SER A 159 -4.71 -6.57 13.28
CA SER A 159 -4.95 -5.71 14.45
C SER A 159 -4.09 -4.44 14.35
N GLY A 160 -2.90 -4.51 13.76
CA GLY A 160 -1.99 -3.35 13.75
C GLY A 160 -1.33 -3.15 15.11
N GLY A 161 -1.54 -4.08 16.04
CA GLY A 161 -1.01 -3.93 17.42
C GLY A 161 -1.54 -5.01 18.31
N SER A 162 -0.84 -6.14 18.42
CA SER A 162 -1.43 -7.34 19.08
C SER A 162 -1.63 -7.02 20.57
N GLU A 163 -0.70 -6.31 21.21
N GLU A 163 -0.72 -6.29 21.21
CA GLU A 163 -0.81 -6.01 22.65
CA GLU A 163 -0.84 -6.04 22.66
C GLU A 163 -2.11 -5.20 22.87
C GLU A 163 -2.08 -5.15 22.92
N ALA A 164 -2.32 -4.15 22.08
CA ALA A 164 -3.53 -3.29 22.24
C ALA A 164 -4.79 -4.11 21.99
N TRP A 165 -4.76 -5.01 21.03
CA TRP A 165 -5.90 -5.87 20.68
C TRP A 165 -6.23 -6.75 21.89
N GLN A 166 -5.23 -7.44 22.44
N GLN A 166 -5.22 -7.43 22.44
CA GLN A 166 -5.48 -8.30 23.62
CA GLN A 166 -5.46 -8.30 23.62
C GLN A 166 -6.02 -7.45 24.78
C GLN A 166 -6.01 -7.46 24.78
N ALA A 167 -5.52 -6.23 24.94
CA ALA A 167 -5.86 -5.34 26.07
C ALA A 167 -7.29 -4.82 25.97
N LEU A 168 -8.01 -5.11 24.90
CA LEU A 168 -9.46 -4.86 24.88
C LEU A 168 -10.13 -5.61 26.03
N GLY A 169 -9.60 -6.76 26.41
CA GLY A 169 -10.05 -7.43 27.65
C GLY A 169 -10.98 -8.58 27.40
N VAL A 170 -11.18 -9.40 28.44
N VAL A 170 -11.18 -9.39 28.44
CA VAL A 170 -11.89 -10.71 28.30
CA VAL A 170 -11.91 -10.67 28.34
C VAL A 170 -13.37 -10.48 27.96
C VAL A 170 -13.37 -10.44 27.92
N GLU A 171 -14.01 -9.40 28.47
CA GLU A 171 -15.44 -9.19 28.22
C GLU A 171 -15.61 -8.82 26.72
N VAL A 172 -14.77 -7.93 26.20
CA VAL A 172 -14.89 -7.55 24.77
C VAL A 172 -14.63 -8.78 23.90
N HIS A 173 -13.59 -9.55 24.19
CA HIS A 173 -13.28 -10.71 23.34
C HIS A 173 -14.39 -11.78 23.45
N ALA A 174 -15.10 -11.87 24.58
CA ALA A 174 -16.24 -12.77 24.70
C ALA A 174 -17.38 -12.31 23.80
N ARG A 175 -17.61 -10.98 23.71
CA ARG A 175 -18.60 -10.48 22.74
C ARG A 175 -18.18 -10.73 21.30
N LEU A 176 -16.92 -10.45 21.00
CA LEU A 176 -16.40 -10.67 19.63
C LEU A 176 -16.58 -12.14 19.26
N HIS A 177 -16.30 -13.05 20.20
CA HIS A 177 -16.42 -14.49 19.95
C HIS A 177 -17.78 -14.78 19.35
N LYS A 178 -18.85 -14.23 19.90
CA LYS A 178 -20.22 -14.45 19.42
C LYS A 178 -20.51 -13.71 18.10
N ASN A 179 -19.84 -12.58 17.88
CA ASN A 179 -20.06 -11.82 16.66
C ASN A 179 -19.41 -12.47 15.42
N TYR A 180 -18.28 -13.18 15.56
CA TYR A 180 -17.56 -13.72 14.39
C TYR A 180 -18.48 -14.47 13.46
N PRO A 181 -19.28 -15.46 13.93
CA PRO A 181 -20.15 -16.18 12.99
C PRO A 181 -21.25 -15.32 12.37
N VAL A 182 -21.78 -14.36 13.12
CA VAL A 182 -22.80 -13.45 12.60
C VAL A 182 -22.16 -12.65 11.45
N TRP A 183 -21.00 -12.07 11.71
CA TRP A 183 -20.28 -11.34 10.64
C TRP A 183 -19.99 -12.24 9.44
N ALA A 184 -19.46 -13.43 9.67
CA ALA A 184 -19.06 -14.32 8.55
C ALA A 184 -20.28 -14.63 7.70
N ARG A 185 -21.44 -14.90 8.29
CA ARG A 185 -22.62 -15.32 7.53
C ARG A 185 -23.30 -14.13 6.86
N GLY A 186 -23.18 -12.92 7.43
CA GLY A 186 -23.94 -11.79 6.88
C GLY A 186 -23.17 -10.76 6.07
N TYR A 187 -21.85 -10.70 6.15
CA TYR A 187 -21.06 -9.53 5.63
C TYR A 187 -20.20 -9.84 4.41
N PRO A 188 -19.22 -10.75 4.44
CA PRO A 188 -18.18 -10.75 3.41
C PRO A 188 -18.70 -11.05 2.00
N ARG A 189 -19.81 -11.78 1.86
CA ARG A 189 -20.31 -12.11 0.51
C ARG A 189 -21.08 -10.95 -0.08
N THR A 190 -21.60 -9.99 0.70
CA THR A 190 -22.55 -8.96 0.24
C THR A 190 -22.02 -7.52 0.43
N ILE A 191 -21.10 -7.32 1.38
CA ILE A 191 -20.59 -5.94 1.59
C ILE A 191 -19.77 -5.48 0.40
N PRO A 192 -18.78 -6.24 -0.10
CA PRO A 192 -17.90 -5.68 -1.12
C PRO A 192 -18.63 -5.26 -2.39
N PRO A 193 -19.56 -6.08 -2.93
CA PRO A 193 -20.24 -5.63 -4.15
C PRO A 193 -21.16 -4.44 -3.96
N SER A 194 -21.49 -4.08 -2.70
CA SER A 194 -22.32 -2.93 -2.41
C SER A 194 -21.51 -1.63 -2.22
N ALA A 195 -20.20 -1.70 -2.38
CA ALA A 195 -19.32 -0.53 -2.16
C ALA A 195 -19.80 0.65 -2.98
N PRO A 196 -20.03 1.81 -2.36
CA PRO A 196 -20.56 2.96 -3.06
C PRO A 196 -19.47 3.80 -3.75
N VAL A 197 -18.57 3.12 -4.47
CA VAL A 197 -17.41 3.77 -5.14
C VAL A 197 -17.36 3.36 -6.60
N GLN A 198 -18.46 2.92 -7.19
CA GLN A 198 -18.53 2.63 -8.64
C GLN A 198 -18.50 3.92 -9.45
N ASP A 199 -19.04 5.01 -8.94
CA ASP A 199 -19.17 6.31 -9.64
C ASP A 199 -18.14 7.26 -9.05
N VAL A 200 -16.97 7.31 -9.64
CA VAL A 200 -15.89 8.20 -9.16
C VAL A 200 -16.39 9.63 -9.23
N GLU A 201 -17.18 9.99 -10.25
CA GLU A 201 -17.61 11.40 -10.38
C GLU A 201 -18.59 11.76 -9.25
N ALA A 202 -19.28 10.79 -8.65
CA ALA A 202 -20.20 11.08 -7.52
C ALA A 202 -19.36 11.46 -6.28
N LEU A 203 -18.14 10.98 -6.19
CA LEU A 203 -17.27 11.30 -5.02
C LEU A 203 -16.59 12.64 -5.16
N ARG A 204 -16.43 13.14 -6.40
CA ARG A 204 -15.61 14.36 -6.60
C ARG A 204 -16.25 15.55 -5.91
N GLY A 205 -15.44 16.29 -5.17
CA GLY A 205 -15.84 17.52 -4.48
C GLY A 205 -16.57 17.24 -3.19
N LYS A 206 -16.73 15.99 -2.77
CA LYS A 206 -17.51 15.69 -1.54
C LYS A 206 -16.58 15.78 -0.33
N PRO A 207 -17.14 16.10 0.86
CA PRO A 207 -16.34 16.25 2.08
C PRO A 207 -16.00 14.88 2.70
N LEU A 208 -15.09 14.23 2.02
CA LEU A 208 -14.68 12.84 2.31
C LEU A 208 -13.17 12.87 2.56
N ASP A 209 -12.71 12.21 3.62
CA ASP A 209 -11.29 12.04 3.94
C ASP A 209 -11.05 10.56 4.13
N TRP A 210 -10.17 10.01 3.29
CA TRP A 210 -9.98 8.55 3.20
C TRP A 210 -8.62 8.17 3.74
N THR A 211 -8.56 7.09 4.48
CA THR A 211 -7.28 6.57 5.02
C THR A 211 -7.17 5.08 4.82
N VAL A 212 -5.91 4.65 4.78
CA VAL A 212 -5.46 3.24 4.83
C VAL A 212 -4.43 3.13 5.93
N GLY A 213 -4.27 1.95 6.49
CA GLY A 213 -3.27 1.74 7.54
C GLY A 213 -1.86 1.71 6.94
N ALA A 214 -0.93 2.42 7.57
CA ALA A 214 0.45 2.55 7.04
C ALA A 214 1.10 1.18 6.97
N ALA A 215 0.81 0.30 7.91
CA ALA A 215 1.46 -1.03 7.94
C ALA A 215 0.67 -2.08 7.15
N THR A 216 -0.55 -1.78 6.72
CA THR A 216 -1.35 -2.71 5.92
C THR A 216 -0.54 -3.07 4.70
N PRO A 217 -0.50 -4.36 4.29
CA PRO A 217 0.14 -4.72 3.01
C PRO A 217 -0.52 -3.95 1.85
N THR A 218 0.30 -3.46 0.94
CA THR A 218 -0.15 -2.60 -0.18
C THR A 218 -1.35 -3.23 -0.89
N GLU A 219 -1.33 -4.53 -1.14
CA GLU A 219 -2.37 -5.16 -1.95
C GLU A 219 -3.76 -4.98 -1.30
N SER A 220 -3.85 -4.92 0.03
CA SER A 220 -5.15 -5.05 0.71
C SER A 220 -6.08 -3.92 0.26
N PHE A 221 -5.62 -2.68 0.24
CA PHE A 221 -6.46 -1.51 -0.07
C PHE A 221 -5.85 -0.65 -1.13
N PHE A 222 -5.00 -1.24 -2.00
CA PHE A 222 -4.47 -0.58 -3.18
C PHE A 222 -5.60 0.14 -3.94
N ASP A 223 -6.74 -0.52 -4.09
CA ASP A 223 -7.81 0.05 -4.93
C ASP A 223 -8.39 1.28 -4.28
N ASN A 224 -8.35 1.39 -2.93
CA ASN A 224 -8.83 2.61 -2.26
C ASN A 224 -7.99 3.79 -2.65
N ILE A 225 -6.66 3.62 -2.71
CA ILE A 225 -5.75 4.72 -3.04
C ILE A 225 -6.00 5.18 -4.48
N VAL A 226 -6.14 4.23 -5.37
CA VAL A 226 -6.41 4.55 -6.79
C VAL A 226 -7.77 5.29 -6.91
N THR A 227 -8.81 4.76 -6.29
CA THR A 227 -10.14 5.41 -6.41
C THR A 227 -10.14 6.80 -5.83
N ALA A 228 -9.58 6.97 -4.62
CA ALA A 228 -9.58 8.29 -4.00
C ALA A 228 -8.81 9.26 -4.90
N THR A 229 -7.66 8.83 -5.45
CA THR A 229 -6.85 9.72 -6.29
C THR A 229 -7.64 10.12 -7.53
N LYS A 230 -8.28 9.16 -8.17
CA LYS A 230 -9.08 9.45 -9.38
C LYS A 230 -10.16 10.46 -9.08
N ALA A 231 -10.75 10.39 -7.91
CA ALA A 231 -11.86 11.29 -7.48
C ALA A 231 -11.35 12.62 -6.91
N GLY A 232 -10.06 12.81 -6.73
CA GLY A 232 -9.51 13.99 -6.09
C GLY A 232 -9.85 14.11 -4.59
N VAL A 233 -10.16 12.98 -3.98
CA VAL A 233 -10.49 12.91 -2.54
C VAL A 233 -9.19 12.83 -1.77
N ASN A 234 -9.15 13.53 -0.65
N ASN A 234 -9.16 13.51 -0.63
CA ASN A 234 -8.03 13.45 0.30
CA ASN A 234 -8.00 13.50 0.28
C ASN A 234 -7.81 11.99 0.66
C ASN A 234 -7.76 12.08 0.79
N ILE A 235 -6.58 11.55 0.54
CA ILE A 235 -6.23 10.14 0.85
C ILE A 235 -4.90 10.20 1.61
N GLY A 236 -4.84 9.49 2.72
CA GLY A 236 -3.63 9.45 3.56
C GLY A 236 -3.61 8.21 4.40
N LEU A 237 -2.67 8.17 5.35
CA LEU A 237 -2.42 6.99 6.15
C LEU A 237 -2.58 7.29 7.64
N LEU A 238 -3.05 6.30 8.37
CA LEU A 238 -3.01 6.28 9.83
C LEU A 238 -2.04 5.19 10.22
N PRO A 239 -1.44 5.32 11.40
CA PRO A 239 -0.60 4.24 11.87
C PRO A 239 -1.38 2.95 12.04
N GLY A 240 -0.64 1.84 12.02
CA GLY A 240 -1.26 0.52 12.25
C GLY A 240 -1.89 -0.05 10.99
N MET A 241 -2.97 -0.78 11.16
CA MET A 241 -3.61 -1.56 10.09
C MET A 241 -5.11 -1.29 10.13
N HIS A 242 -5.91 -2.28 10.46
CA HIS A 242 -7.38 -2.22 10.25
C HIS A 242 -8.08 -1.56 11.40
N PHE A 243 -7.44 -1.39 12.56
CA PHE A 243 -8.12 -0.89 13.76
C PHE A 243 -7.34 0.24 14.39
N PRO A 244 -7.20 1.42 13.73
CA PRO A 244 -6.37 2.47 14.27
C PRO A 244 -6.88 2.97 15.62
N TYR A 245 -8.18 2.91 15.82
CA TYR A 245 -8.76 3.33 17.09
C TYR A 245 -8.40 2.40 18.25
N VAL A 246 -8.00 1.16 17.95
CA VAL A 246 -7.49 0.24 18.99
C VAL A 246 -5.98 0.41 19.10
N SER A 247 -5.26 0.31 17.99
CA SER A 247 -3.79 0.27 18.01
C SER A 247 -3.20 1.60 18.42
N HIS A 248 -3.79 2.71 17.98
CA HIS A 248 -3.22 4.06 18.14
C HIS A 248 -4.31 5.04 18.52
N PRO A 249 -4.97 4.85 19.67
CA PRO A 249 -6.17 5.63 20.01
C PRO A 249 -5.90 7.14 20.04
N ASP A 250 -4.76 7.59 20.53
CA ASP A 250 -4.51 9.04 20.63
C ASP A 250 -4.28 9.64 19.26
N VAL A 251 -3.57 8.96 18.35
CA VAL A 251 -3.40 9.45 16.97
C VAL A 251 -4.77 9.45 16.28
N PHE A 252 -5.51 8.38 16.46
CA PHE A 252 -6.84 8.30 15.87
C PHE A 252 -7.70 9.48 16.34
N ALA A 253 -7.75 9.74 17.65
CA ALA A 253 -8.60 10.81 18.20
C ALA A 253 -8.13 12.16 17.61
N LYS A 254 -6.82 12.36 17.53
CA LYS A 254 -6.32 13.65 16.99
C LYS A 254 -6.73 13.79 15.53
N TYR A 255 -6.70 12.71 14.76
CA TYR A 255 -7.12 12.75 13.35
C TYR A 255 -8.59 13.13 13.24
N VAL A 256 -9.43 12.49 14.04
CA VAL A 256 -10.88 12.75 14.00
C VAL A 256 -11.15 14.22 14.37
N VAL A 257 -10.51 14.70 15.42
CA VAL A 257 -10.70 16.11 15.87
C VAL A 257 -10.20 17.09 14.79
N GLU A 258 -9.02 16.91 14.28
CA GLU A 258 -8.44 17.84 13.30
C GLU A 258 -9.25 17.86 11.99
N THR A 259 -9.72 16.69 11.55
CA THR A 259 -10.46 16.58 10.29
C THR A 259 -11.83 17.27 10.50
N THR A 260 -12.46 17.04 11.64
CA THR A 260 -13.74 17.70 11.96
C THR A 260 -13.55 19.22 11.98
N GLN A 261 -12.50 19.65 12.64
CA GLN A 261 -12.23 21.10 12.72
C GLN A 261 -11.99 21.69 11.34
N LYS A 262 -11.28 20.99 10.45
CA LYS A 262 -11.05 21.47 9.09
C LYS A 262 -12.36 21.68 8.36
N HIS A 263 -13.33 20.79 8.53
CA HIS A 263 -14.61 20.93 7.81
C HIS A 263 -15.50 21.96 8.49
N LEU A 264 -15.38 22.17 9.79
CA LEU A 264 -16.14 23.24 10.46
C LEU A 264 -15.64 24.60 9.95
N TRP A 265 -14.35 24.74 9.67
CA TRP A 265 -13.79 26.00 9.13
C TRP A 265 -14.30 26.20 7.70
N ASN A 266 -14.23 25.14 6.88
CA ASN A 266 -14.62 25.22 5.45
C ASN A 266 -16.11 25.53 5.36
N SER A 267 -16.94 24.97 6.24
CA SER A 267 -18.42 25.05 6.12
C SER A 267 -18.83 26.49 6.37
N SER A 268 -18.16 27.16 7.31
CA SER A 268 -18.29 28.61 7.57
C SER A 268 -17.53 29.37 6.47
N MET B 1 22.80 -19.81 -25.18
CA MET B 1 23.65 -19.81 -23.96
C MET B 1 23.89 -18.34 -23.56
N ARG B 2 24.41 -18.18 -22.38
CA ARG B 2 24.53 -16.84 -21.74
C ARG B 2 25.93 -16.29 -22.02
N THR B 3 26.02 -15.09 -22.56
CA THR B 3 27.28 -14.34 -22.60
C THR B 3 27.53 -13.75 -21.22
N ARG B 4 28.73 -13.93 -20.69
CA ARG B 4 29.15 -13.30 -19.44
C ARG B 4 30.51 -12.66 -19.69
N SER B 5 30.58 -11.36 -19.65
CA SER B 5 31.80 -10.69 -20.17
C SER B 5 31.95 -9.30 -19.56
N THR B 6 32.94 -8.55 -19.99
CA THR B 6 33.16 -7.16 -19.54
C THR B 6 33.31 -6.27 -20.73
N ILE B 7 32.94 -5.02 -20.56
CA ILE B 7 33.07 -4.00 -21.65
C ILE B 7 33.32 -2.67 -20.98
N SER B 8 34.25 -1.89 -21.54
CA SER B 8 34.62 -0.59 -20.97
C SER B 8 33.99 0.51 -21.82
N THR B 9 33.51 1.56 -21.16
CA THR B 9 32.90 2.72 -21.81
C THR B 9 33.81 3.93 -21.62
N PRO B 10 33.65 4.95 -22.48
CA PRO B 10 34.58 6.10 -22.47
C PRO B 10 34.50 6.95 -21.22
N ASN B 11 33.45 6.81 -20.40
CA ASN B 11 33.33 7.44 -19.09
C ASN B 11 34.17 6.72 -18.03
N GLY B 12 34.96 5.69 -18.38
CA GLY B 12 35.91 5.13 -17.40
C GLY B 12 35.39 3.90 -16.68
N ILE B 13 34.15 3.49 -16.98
CA ILE B 13 33.56 2.29 -16.30
C ILE B 13 33.94 1.06 -17.07
N THR B 14 34.37 0.01 -16.37
CA THR B 14 34.49 -1.35 -16.88
C THR B 14 33.30 -2.13 -16.31
N TRP B 15 32.34 -2.40 -17.19
CA TRP B 15 31.09 -3.08 -16.79
C TRP B 15 31.29 -4.59 -16.86
N TYR B 16 30.72 -5.30 -15.89
CA TYR B 16 30.38 -6.72 -16.04
C TYR B 16 28.96 -6.80 -16.57
N TYR B 17 28.77 -7.53 -17.67
CA TYR B 17 27.44 -7.68 -18.27
C TYR B 17 27.16 -9.11 -18.63
N GLU B 18 25.86 -9.40 -18.76
CA GLU B 18 25.40 -10.71 -19.22
C GLU B 18 24.39 -10.47 -20.33
N GLN B 19 24.30 -11.41 -21.26
CA GLN B 19 23.34 -11.28 -22.38
C GLN B 19 22.91 -12.67 -22.81
N GLU B 20 21.63 -12.82 -23.13
CA GLU B 20 21.10 -14.10 -23.59
C GLU B 20 19.95 -13.81 -24.54
N GLY B 21 19.89 -14.61 -25.61
CA GLY B 21 18.72 -14.60 -26.49
C GLY B 21 18.90 -13.77 -27.72
N THR B 22 17.94 -13.89 -28.63
N THR B 22 17.89 -13.90 -28.59
CA THR B 22 17.84 -13.03 -29.82
CA THR B 22 17.75 -13.17 -29.86
C THR B 22 16.39 -12.57 -29.94
C THR B 22 16.35 -12.57 -29.92
N GLY B 23 16.25 -11.38 -30.47
CA GLY B 23 14.95 -10.74 -30.61
C GLY B 23 15.04 -9.30 -30.12
N PRO B 24 13.89 -8.67 -29.90
CA PRO B 24 13.88 -7.32 -29.37
C PRO B 24 14.62 -7.26 -28.05
N ASP B 25 15.22 -6.11 -27.80
CA ASP B 25 16.09 -5.97 -26.62
C ASP B 25 15.20 -5.62 -25.38
N ILE B 26 15.50 -6.37 -24.32
CA ILE B 26 15.01 -6.07 -22.93
C ILE B 26 16.26 -5.93 -22.09
N VAL B 27 16.32 -4.87 -21.29
CA VAL B 27 17.44 -4.57 -20.42
C VAL B 27 16.95 -4.49 -18.97
N LEU B 28 17.60 -5.25 -18.09
CA LEU B 28 17.20 -5.36 -16.68
C LEU B 28 18.22 -4.56 -15.87
N VAL B 29 17.82 -3.41 -15.37
CA VAL B 29 18.68 -2.51 -14.58
C VAL B 29 18.57 -2.92 -13.12
N PRO B 30 19.66 -3.24 -12.42
CA PRO B 30 19.57 -3.55 -11.01
C PRO B 30 19.05 -2.41 -10.14
N ASP B 31 18.59 -2.80 -8.99
CA ASP B 31 18.34 -1.86 -7.87
C ASP B 31 19.70 -1.30 -7.39
N GLY B 32 19.62 -0.50 -6.35
CA GLY B 32 20.80 0.23 -5.86
C GLY B 32 21.99 -0.69 -5.52
N LEU B 33 21.70 -1.94 -5.13
CA LEU B 33 22.83 -2.83 -4.75
C LEU B 33 23.59 -3.26 -5.98
N GLY B 34 23.06 -3.04 -7.20
CA GLY B 34 23.88 -3.15 -8.41
C GLY B 34 24.34 -4.54 -8.78
N GLU B 35 23.60 -5.58 -8.39
CA GLU B 35 24.03 -6.99 -8.46
C GLU B 35 23.12 -7.73 -9.45
N CYS B 36 23.62 -8.02 -10.64
CA CYS B 36 22.78 -8.59 -11.70
C CYS B 36 22.61 -10.11 -11.60
N GLN B 37 23.28 -10.79 -10.67
CA GLN B 37 23.00 -12.23 -10.51
C GLN B 37 21.57 -12.41 -9.99
N MET B 38 20.99 -11.37 -9.38
CA MET B 38 19.60 -11.43 -8.91
C MET B 38 18.63 -11.71 -10.05
N PHE B 39 19.03 -11.44 -11.28
CA PHE B 39 18.16 -11.68 -12.46
C PHE B 39 18.37 -13.04 -13.12
N ASP B 40 19.27 -13.86 -12.61
CA ASP B 40 19.77 -15.05 -13.41
C ASP B 40 18.62 -15.92 -13.92
N SER B 41 17.73 -16.35 -13.05
CA SER B 41 16.62 -17.26 -13.45
C SER B 41 15.75 -16.56 -14.48
N SER B 42 15.43 -15.30 -14.20
N SER B 42 15.41 -15.30 -14.20
CA SER B 42 14.49 -14.55 -15.05
CA SER B 42 14.47 -14.57 -15.06
C SER B 42 15.08 -14.30 -16.44
C SER B 42 15.07 -14.28 -16.44
N VAL B 43 16.38 -14.01 -16.54
CA VAL B 43 17.03 -13.76 -17.84
C VAL B 43 16.73 -14.94 -18.80
N SER B 44 16.97 -16.15 -18.35
CA SER B 44 16.71 -17.34 -19.19
C SER B 44 15.23 -17.43 -19.57
N GLN B 45 14.32 -17.20 -18.63
CA GLN B 45 12.88 -17.34 -18.90
C GLN B 45 12.43 -16.29 -19.89
N ILE B 46 12.91 -15.05 -19.76
CA ILE B 46 12.48 -13.99 -20.67
C ILE B 46 13.10 -14.27 -22.07
N ALA B 47 14.38 -14.59 -22.13
CA ALA B 47 15.08 -14.79 -23.41
C ALA B 47 14.38 -15.92 -24.20
N ALA B 48 13.92 -16.94 -23.52
CA ALA B 48 13.26 -18.12 -24.14
C ALA B 48 11.98 -17.71 -24.87
N GLN B 49 11.37 -16.56 -24.56
CA GLN B 49 10.18 -16.08 -25.29
C GLN B 49 10.52 -15.26 -26.51
N GLY B 50 11.78 -15.22 -26.95
CA GLY B 50 12.14 -14.54 -28.21
C GLY B 50 12.65 -13.11 -28.02
N PHE B 51 13.44 -12.88 -26.96
CA PHE B 51 14.02 -11.56 -26.67
C PHE B 51 15.52 -11.70 -26.44
N ARG B 52 16.24 -10.62 -26.76
CA ARG B 52 17.65 -10.49 -26.35
C ARG B 52 17.63 -9.74 -25.01
N VAL B 53 18.06 -10.40 -23.97
CA VAL B 53 18.03 -9.82 -22.60
C VAL B 53 19.44 -9.48 -22.17
N THR B 54 19.64 -8.25 -21.75
CA THR B 54 20.94 -7.77 -21.25
C THR B 54 20.79 -7.32 -19.82
N THR B 55 21.78 -7.60 -19.00
CA THR B 55 21.85 -7.02 -17.66
C THR B 55 23.31 -6.78 -17.30
N PHE B 56 23.57 -6.10 -16.20
CA PHE B 56 24.95 -5.75 -15.84
C PHE B 56 24.98 -5.38 -14.38
N ASP B 57 26.16 -5.49 -13.76
CA ASP B 57 26.37 -4.91 -12.47
C ASP B 57 26.51 -3.37 -12.63
N MET B 58 26.08 -2.62 -11.62
CA MET B 58 26.09 -1.15 -11.74
C MET B 58 27.43 -0.60 -11.31
N PRO B 59 27.78 0.62 -11.78
CA PRO B 59 29.12 1.14 -11.54
C PRO B 59 29.47 1.22 -10.06
N GLY B 60 30.68 0.76 -9.72
CA GLY B 60 31.14 0.75 -8.34
C GLY B 60 30.72 -0.49 -7.58
N MET B 61 29.78 -1.27 -8.14
CA MET B 61 29.16 -2.42 -7.45
C MET B 61 29.60 -3.73 -8.04
N SER B 62 29.74 -4.75 -7.19
CA SER B 62 29.98 -6.12 -7.63
C SER B 62 31.10 -6.16 -8.68
N ARG B 63 30.88 -6.72 -9.82
CA ARG B 63 31.94 -6.97 -10.83
C ARG B 63 32.12 -5.76 -11.73
N SER B 64 31.35 -4.69 -11.54
CA SER B 64 31.54 -3.42 -12.28
C SER B 64 32.21 -2.40 -11.38
N ALA B 65 33.03 -2.84 -10.42
CA ALA B 65 33.61 -1.94 -9.42
C ALA B 65 34.74 -1.09 -10.00
N LYS B 66 35.33 -1.46 -11.13
CA LYS B 66 36.39 -0.63 -11.71
C LYS B 66 35.72 0.53 -12.46
N ALA B 67 35.61 1.65 -11.79
CA ALA B 67 34.86 2.81 -12.24
C ALA B 67 35.35 4.01 -11.46
N PRO B 68 35.27 5.20 -12.08
CA PRO B 68 35.66 6.41 -11.38
C PRO B 68 34.71 6.71 -10.22
N ALA B 69 35.23 7.36 -9.18
CA ALA B 69 34.48 7.67 -7.95
C ALA B 69 33.21 8.47 -8.24
N GLU B 70 33.21 9.31 -9.26
CA GLU B 70 32.03 10.13 -9.57
C GLU B 70 30.83 9.23 -9.95
N THR B 71 31.07 8.02 -10.44
CA THR B 71 29.96 7.13 -10.90
C THR B 71 29.27 6.46 -9.71
N TYR B 72 29.81 6.46 -8.51
CA TYR B 72 29.19 5.81 -7.33
C TYR B 72 29.14 6.71 -6.13
N THR B 73 29.35 8.05 -6.34
CA THR B 73 29.18 9.06 -5.30
C THR B 73 28.21 10.10 -5.84
N GLU B 74 27.44 10.66 -4.92
CA GLU B 74 26.42 11.69 -5.23
C GLU B 74 25.59 11.26 -6.42
N VAL B 75 25.08 10.01 -6.32
CA VAL B 75 24.44 9.34 -7.48
C VAL B 75 23.01 9.89 -7.61
N THR B 76 22.64 10.13 -8.84
CA THR B 76 21.29 10.60 -9.21
C THR B 76 20.73 9.69 -10.30
N ALA B 77 19.42 9.73 -10.49
CA ALA B 77 18.76 9.04 -11.60
C ALA B 77 19.35 9.43 -12.95
N GLN B 78 19.66 10.73 -13.10
CA GLN B 78 20.14 11.26 -14.39
C GLN B 78 21.58 10.82 -14.65
N LYS B 79 22.41 10.74 -13.61
CA LYS B 79 23.76 10.14 -13.77
C LYS B 79 23.66 8.66 -14.17
N LEU B 80 22.82 7.90 -13.47
CA LEU B 80 22.69 6.48 -13.81
C LEU B 80 22.13 6.27 -15.21
N ALA B 81 21.19 7.11 -15.65
CA ALA B 81 20.64 6.99 -16.99
C ALA B 81 21.75 7.23 -18.01
N SER B 82 22.59 8.24 -17.77
CA SER B 82 23.73 8.50 -18.68
C SER B 82 24.63 7.28 -18.76
N TYR B 83 24.90 6.62 -17.65
CA TYR B 83 25.77 5.43 -17.62
C TYR B 83 25.13 4.27 -18.36
N VAL B 84 23.83 4.03 -18.15
CA VAL B 84 23.14 2.95 -18.87
C VAL B 84 23.18 3.22 -20.39
N ILE B 85 22.92 4.45 -20.83
CA ILE B 85 23.01 4.76 -22.28
C ILE B 85 24.43 4.43 -22.77
N SER B 86 25.45 4.69 -21.94
CA SER B 86 26.84 4.39 -22.39
C SER B 86 27.03 2.91 -22.64
N ILE B 87 26.50 2.02 -21.76
CA ILE B 87 26.71 0.59 -22.05
C ILE B 87 25.82 0.13 -23.21
N LEU B 88 24.61 0.66 -23.35
CA LEU B 88 23.76 0.31 -24.49
C LEU B 88 24.45 0.72 -25.82
N ASP B 89 25.12 1.86 -25.82
CA ASP B 89 25.92 2.33 -27.00
C ASP B 89 27.03 1.33 -27.25
N ALA B 90 27.78 0.94 -26.23
CA ALA B 90 28.91 -0.01 -26.37
C ALA B 90 28.42 -1.35 -26.91
N LEU B 91 27.19 -1.80 -26.57
CA LEU B 91 26.68 -3.11 -26.97
C LEU B 91 25.82 -2.99 -28.22
N ASP B 92 25.74 -1.79 -28.82
CA ASP B 92 24.97 -1.57 -30.05
C ASP B 92 23.51 -1.96 -29.85
N ILE B 93 22.96 -1.61 -28.69
CA ILE B 93 21.51 -1.75 -28.40
C ILE B 93 20.83 -0.41 -28.68
N LYS B 94 20.19 -0.32 -29.84
CA LYS B 94 19.61 0.94 -30.31
C LYS B 94 18.27 1.25 -29.66
N HIS B 95 17.43 0.23 -29.53
N HIS B 95 17.44 0.22 -29.46
CA HIS B 95 16.05 0.35 -28.99
CA HIS B 95 16.05 0.37 -28.97
C HIS B 95 15.92 -0.71 -27.90
C HIS B 95 15.78 -0.73 -27.93
N ALA B 96 15.44 -0.31 -26.72
CA ALA B 96 15.32 -1.27 -25.60
C ALA B 96 14.06 -1.04 -24.79
N THR B 97 13.51 -2.13 -24.36
CA THR B 97 12.58 -2.19 -23.19
C THR B 97 13.46 -2.20 -21.95
N VAL B 98 13.10 -1.43 -20.91
CA VAL B 98 13.94 -1.39 -19.68
C VAL B 98 13.07 -1.64 -18.45
N TRP B 99 13.67 -2.36 -17.51
CA TRP B 99 13.10 -2.63 -16.16
C TRP B 99 14.04 -2.04 -15.12
N GLY B 100 13.47 -1.46 -14.08
CA GLY B 100 14.30 -1.16 -12.91
C GLY B 100 13.48 -1.01 -11.65
N CYS B 101 14.10 -1.41 -10.56
CA CYS B 101 13.55 -1.24 -9.20
C CYS B 101 14.42 -0.23 -8.43
N SER B 102 13.80 0.54 -7.56
CA SER B 102 14.51 1.37 -6.60
C SER B 102 15.26 2.49 -7.33
N SER B 103 16.56 2.67 -7.13
CA SER B 103 17.32 3.59 -7.99
C SER B 103 17.27 3.19 -9.47
N GLY B 104 17.08 1.91 -9.75
CA GLY B 104 16.86 1.42 -11.11
C GLY B 104 15.53 1.92 -11.66
N ALA B 105 14.51 2.06 -10.82
CA ALA B 105 13.22 2.64 -11.22
C ALA B 105 13.42 4.11 -11.64
N SER B 106 14.12 4.85 -10.80
CA SER B 106 14.37 6.27 -11.13
C SER B 106 15.15 6.34 -12.43
N THR B 107 16.12 5.47 -12.60
CA THR B 107 16.96 5.41 -13.80
C THR B 107 16.10 5.17 -15.03
N VAL B 108 15.20 4.16 -15.01
CA VAL B 108 14.47 3.84 -16.26
C VAL B 108 13.48 4.95 -16.60
N VAL B 109 12.88 5.62 -15.60
CA VAL B 109 11.99 6.77 -15.91
C VAL B 109 12.86 7.89 -16.53
N ALA B 110 14.02 8.17 -15.95
CA ALA B 110 14.93 9.18 -16.55
C ALA B 110 15.34 8.75 -17.96
N LEU B 111 15.55 7.47 -18.21
CA LEU B 111 15.89 6.97 -19.57
C LEU B 111 14.74 7.27 -20.52
N LEU B 112 13.51 6.92 -20.12
CA LEU B 112 12.38 7.05 -21.04
C LEU B 112 12.19 8.55 -21.35
N LEU B 113 12.27 9.41 -20.33
CA LEU B 113 12.00 10.85 -20.56
C LEU B 113 13.17 11.48 -21.32
N GLY B 114 14.39 11.09 -21.05
CA GLY B 114 15.58 11.74 -21.61
C GLY B 114 16.04 11.21 -22.93
N TYR B 115 15.72 9.96 -23.26
CA TYR B 115 16.20 9.30 -24.48
C TYR B 115 15.03 8.60 -25.12
N PRO B 116 13.96 9.33 -25.45
CA PRO B 116 12.75 8.66 -25.91
C PRO B 116 12.92 7.82 -27.18
N ASP B 117 13.88 8.19 -28.04
CA ASP B 117 14.08 7.40 -29.29
C ASP B 117 14.75 6.05 -28.98
N ARG B 118 15.33 5.91 -27.80
CA ARG B 118 16.11 4.70 -27.40
C ARG B 118 15.23 3.70 -26.64
N ILE B 119 14.16 4.19 -26.01
CA ILE B 119 13.40 3.36 -25.03
C ILE B 119 12.01 3.07 -25.58
N ARG B 120 11.75 1.79 -25.83
CA ARG B 120 10.42 1.32 -26.28
C ARG B 120 9.38 1.50 -25.19
N ASN B 121 9.75 1.12 -23.97
CA ASN B 121 8.83 1.16 -22.84
C ASN B 121 9.67 0.88 -21.59
N ALA B 122 9.21 1.40 -20.47
CA ALA B 122 9.91 1.25 -19.17
C ALA B 122 8.96 0.66 -18.15
N MET B 123 9.50 -0.28 -17.37
CA MET B 123 8.82 -0.82 -16.19
C MET B 123 9.60 -0.35 -14.95
N CYS B 124 8.89 0.37 -14.09
CA CYS B 124 9.51 0.88 -12.83
C CYS B 124 8.81 0.23 -11.65
N HIS B 125 9.59 -0.10 -10.65
CA HIS B 125 9.13 -0.77 -9.43
C HIS B 125 9.68 -0.01 -8.23
N GLU B 126 8.79 0.39 -7.32
CA GLU B 126 9.19 0.92 -5.98
C GLU B 126 10.24 2.03 -6.13
N LEU B 127 9.82 3.13 -6.72
CA LEU B 127 10.69 4.28 -7.07
C LEU B 127 10.81 5.19 -5.84
N PRO B 128 12.04 5.44 -5.38
CA PRO B 128 12.19 6.21 -4.14
C PRO B 128 12.14 7.71 -4.34
N THR B 129 11.23 8.34 -3.62
CA THR B 129 10.98 9.78 -3.75
C THR B 129 11.17 10.49 -2.41
N LYS B 130 11.34 9.75 -1.33
N LYS B 130 11.38 9.75 -1.34
CA LYS B 130 11.44 10.35 0.04
CA LYS B 130 11.45 10.38 0.02
C LYS B 130 12.85 10.13 0.60
C LYS B 130 12.81 10.12 0.64
N LEU B 131 13.38 11.16 1.26
CA LEU B 131 14.60 10.98 2.06
C LEU B 131 14.24 10.24 3.34
N LEU B 132 15.01 9.22 3.70
CA LEU B 132 14.86 8.45 4.92
C LEU B 132 16.12 8.67 5.77
N ASP B 133 15.99 9.49 6.82
CA ASP B 133 17.17 9.87 7.62
C ASP B 133 17.88 8.65 8.20
N HIS B 134 17.16 7.65 8.65
CA HIS B 134 17.83 6.50 9.31
C HIS B 134 18.71 5.75 8.30
N LEU B 135 18.36 5.74 7.00
CA LEU B 135 19.24 5.14 5.97
C LEU B 135 20.35 6.10 5.57
N SER B 136 20.05 7.37 5.35
CA SER B 136 21.07 8.39 5.04
C SER B 136 22.17 8.40 6.11
N ASN B 137 21.78 8.18 7.35
CA ASN B 137 22.75 8.33 8.48
C ASN B 137 23.65 7.09 8.58
N THR B 138 23.40 6.01 7.83
CA THR B 138 24.36 4.88 7.89
C THR B 138 25.70 5.29 7.27
N ALA B 139 25.74 6.34 6.41
CA ALA B 139 26.91 6.70 5.60
C ALA B 139 28.12 7.04 6.50
N VAL B 140 27.89 7.44 7.74
CA VAL B 140 29.03 7.88 8.59
C VAL B 140 29.50 6.73 9.47
N LEU B 141 28.89 5.54 9.39
CA LEU B 141 29.37 4.40 10.20
C LEU B 141 30.56 3.75 9.53
N GLU B 142 31.21 2.81 10.21
CA GLU B 142 32.33 2.05 9.60
C GLU B 142 31.74 1.05 8.59
N ASP B 143 32.54 0.74 7.59
CA ASP B 143 32.12 -0.22 6.52
C ASP B 143 31.46 -1.46 7.10
N GLU B 144 32.09 -2.13 8.07
N GLU B 144 32.09 -2.16 8.06
CA GLU B 144 31.56 -3.44 8.54
CA GLU B 144 31.52 -3.46 8.50
C GLU B 144 30.23 -3.23 9.26
C GLU B 144 30.22 -3.23 9.25
N GLU B 145 30.04 -2.11 9.94
CA GLU B 145 28.77 -1.83 10.62
C GLU B 145 27.69 -1.60 9.56
N ILE B 146 28.02 -0.89 8.48
CA ILE B 146 27.01 -0.61 7.42
C ILE B 146 26.58 -1.96 6.83
N SER B 147 27.56 -2.81 6.47
CA SER B 147 27.24 -4.11 5.82
C SER B 147 26.37 -4.95 6.73
N ASN B 148 26.68 -5.00 8.04
CA ASN B 148 25.90 -5.82 8.96
C ASN B 148 24.48 -5.27 9.04
N ILE B 149 24.31 -3.97 9.18
CA ILE B 149 22.98 -3.36 9.34
C ILE B 149 22.17 -3.56 8.05
N LEU B 150 22.76 -3.30 6.90
CA LEU B 150 21.98 -3.32 5.64
C LEU B 150 21.74 -4.77 5.21
N ALA B 151 22.66 -5.68 5.49
CA ALA B 151 22.34 -7.09 5.16
C ALA B 151 21.08 -7.50 5.90
N ASN B 152 20.96 -7.10 7.18
CA ASN B 152 19.77 -7.46 7.99
C ASN B 152 18.52 -6.78 7.48
N VAL B 153 18.61 -5.51 7.10
CA VAL B 153 17.47 -4.77 6.51
C VAL B 153 16.98 -5.47 5.24
N MET B 154 17.92 -5.84 4.37
CA MET B 154 17.47 -6.45 3.10
C MET B 154 16.75 -7.74 3.44
N LEU B 155 17.35 -8.62 4.26
CA LEU B 155 16.72 -9.93 4.49
C LEU B 155 15.37 -9.77 5.18
N ASN B 156 15.33 -8.97 6.26
CA ASN B 156 14.15 -9.01 7.16
C ASN B 156 13.09 -7.97 6.80
N ASP B 157 13.44 -6.89 6.10
CA ASP B 157 12.45 -5.79 5.91
C ASP B 157 11.95 -5.75 4.47
N VAL B 158 12.79 -6.03 3.48
CA VAL B 158 12.37 -5.73 2.07
C VAL B 158 12.55 -6.88 1.09
N SER B 159 13.13 -8.03 1.50
CA SER B 159 13.39 -9.09 0.51
C SER B 159 12.12 -9.65 -0.10
N GLY B 160 11.01 -9.66 0.62
CA GLY B 160 9.79 -10.28 0.11
C GLY B 160 9.84 -11.78 0.15
N GLY B 161 10.90 -12.37 0.66
CA GLY B 161 11.02 -13.87 0.65
C GLY B 161 12.35 -14.29 1.22
N SER B 162 12.43 -14.60 2.51
CA SER B 162 13.72 -14.83 3.19
C SER B 162 14.42 -16.05 2.61
N GLU B 163 13.68 -17.11 2.29
CA GLU B 163 14.34 -18.33 1.74
C GLU B 163 15.01 -18.05 0.39
N ALA B 164 14.30 -17.35 -0.51
CA ALA B 164 14.84 -17.01 -1.82
C ALA B 164 16.02 -16.04 -1.68
N TRP B 165 15.90 -15.10 -0.75
CA TRP B 165 16.98 -14.12 -0.55
C TRP B 165 18.28 -14.83 -0.09
N GLN B 166 18.13 -15.66 0.91
CA GLN B 166 19.30 -16.41 1.42
C GLN B 166 19.84 -17.35 0.34
N ALA B 167 18.97 -17.91 -0.46
CA ALA B 167 19.36 -18.88 -1.50
C ALA B 167 20.11 -18.21 -2.65
N LEU B 168 20.22 -16.86 -2.68
CA LEU B 168 21.15 -16.23 -3.63
C LEU B 168 22.57 -16.82 -3.44
N GLY B 169 22.93 -17.17 -2.20
CA GLY B 169 24.15 -17.92 -1.95
C GLY B 169 25.32 -17.08 -1.54
N VAL B 170 26.37 -17.75 -1.06
CA VAL B 170 27.51 -17.07 -0.45
C VAL B 170 28.22 -16.13 -1.43
N GLU B 171 28.38 -16.53 -2.68
N GLU B 171 28.38 -16.52 -2.69
CA GLU B 171 29.15 -15.69 -3.64
CA GLU B 171 29.15 -15.69 -3.65
C GLU B 171 28.41 -14.34 -3.81
C GLU B 171 28.42 -14.35 -3.85
N VAL B 172 27.10 -14.42 -4.02
CA VAL B 172 26.31 -13.19 -4.19
C VAL B 172 26.36 -12.37 -2.90
N HIS B 173 26.08 -12.98 -1.75
CA HIS B 173 26.03 -12.21 -0.49
C HIS B 173 27.38 -11.59 -0.18
N ALA B 174 28.48 -12.24 -0.52
CA ALA B 174 29.81 -11.67 -0.28
C ALA B 174 30.01 -10.45 -1.18
N ARG B 175 29.51 -10.44 -2.41
CA ARG B 175 29.55 -9.23 -3.24
C ARG B 175 28.64 -8.14 -2.65
N LEU B 176 27.44 -8.49 -2.23
CA LEU B 176 26.53 -7.48 -1.61
C LEU B 176 27.17 -6.85 -0.37
N HIS B 177 27.85 -7.67 0.43
CA HIS B 177 28.46 -7.19 1.67
C HIS B 177 29.40 -6.04 1.34
N LYS B 178 30.19 -6.16 0.26
CA LYS B 178 31.12 -5.09 -0.16
C LYS B 178 30.37 -3.91 -0.76
N ASN B 179 29.24 -4.15 -1.39
CA ASN B 179 28.45 -3.05 -1.97
C ASN B 179 27.74 -2.18 -0.94
N TYR B 180 27.33 -2.70 0.21
CA TYR B 180 26.46 -1.94 1.13
C TYR B 180 27.11 -0.58 1.48
N PRO B 181 28.40 -0.49 1.85
CA PRO B 181 28.98 0.81 2.17
C PRO B 181 29.03 1.76 0.97
N VAL B 182 29.26 1.22 -0.22
CA VAL B 182 29.31 2.04 -1.44
C VAL B 182 27.91 2.63 -1.62
N TRP B 183 26.88 1.77 -1.58
CA TRP B 183 25.51 2.28 -1.74
C TRP B 183 25.20 3.30 -0.66
N ALA B 184 25.48 3.02 0.60
CA ALA B 184 25.09 3.89 1.71
C ALA B 184 25.72 5.27 1.52
N ARG B 185 26.97 5.32 1.08
CA ARG B 185 27.65 6.64 0.97
C ARG B 185 27.35 7.36 -0.36
N GLY B 186 26.78 6.67 -1.34
CA GLY B 186 26.57 7.27 -2.67
C GLY B 186 25.13 7.52 -3.06
N TYR B 187 24.17 6.83 -2.44
CA TYR B 187 22.78 6.72 -2.99
C TYR B 187 21.75 7.46 -2.15
N PRO B 188 21.52 7.14 -0.87
CA PRO B 188 20.28 7.53 -0.21
C PRO B 188 20.07 9.03 -0.02
N ARG B 189 21.13 9.82 0.03
N ARG B 189 21.11 9.85 -0.01
CA ARG B 189 21.00 11.31 0.16
CA ARG B 189 20.96 11.32 0.14
C ARG B 189 20.70 12.00 -1.17
C ARG B 189 20.69 12.02 -1.18
N THR B 190 21.06 11.43 -2.32
CA THR B 190 21.01 12.10 -3.61
C THR B 190 19.97 11.42 -4.56
N ILE B 191 19.69 10.13 -4.33
CA ILE B 191 18.73 9.47 -5.28
C ILE B 191 17.32 10.04 -5.10
N PRO B 192 16.73 10.09 -3.91
CA PRO B 192 15.32 10.49 -3.80
C PRO B 192 15.02 11.85 -4.37
N PRO B 193 15.84 12.89 -4.06
CA PRO B 193 15.52 14.20 -4.65
C PRO B 193 15.66 14.27 -6.17
N SER B 194 16.34 13.31 -6.81
CA SER B 194 16.50 13.26 -8.25
C SER B 194 15.31 12.56 -8.94
N ALA B 195 14.33 12.08 -8.17
CA ALA B 195 13.23 11.28 -8.76
C ALA B 195 12.56 12.05 -9.91
N PRO B 196 12.48 11.46 -11.10
CA PRO B 196 11.98 12.19 -12.27
C PRO B 196 10.46 12.15 -12.37
N VAL B 197 9.79 12.30 -11.25
CA VAL B 197 8.31 12.13 -11.21
C VAL B 197 7.70 13.35 -10.54
N GLN B 198 8.42 14.50 -10.46
CA GLN B 198 7.86 15.76 -9.93
C GLN B 198 6.93 16.43 -10.94
N ASP B 199 7.21 16.25 -12.22
CA ASP B 199 6.42 16.77 -13.35
C ASP B 199 5.45 15.66 -13.80
N VAL B 200 4.28 15.66 -13.23
CA VAL B 200 3.26 14.64 -13.50
C VAL B 200 2.83 14.71 -14.96
N GLU B 201 2.68 15.90 -15.53
CA GLU B 201 2.26 15.98 -16.95
C GLU B 201 3.30 15.43 -17.90
N ALA B 202 4.58 15.38 -17.55
CA ALA B 202 5.63 14.83 -18.42
C ALA B 202 5.45 13.29 -18.51
N LEU B 203 4.84 12.69 -17.49
CA LEU B 203 4.63 11.21 -17.49
C LEU B 203 3.41 10.84 -18.31
N ARG B 204 2.47 11.77 -18.49
CA ARG B 204 1.17 11.41 -19.09
C ARG B 204 1.36 10.94 -20.52
N GLY B 205 0.77 9.79 -20.84
CA GLY B 205 0.82 9.23 -22.20
C GLY B 205 2.10 8.50 -22.51
N LYS B 206 3.04 8.42 -21.57
CA LYS B 206 4.32 7.75 -21.82
C LYS B 206 4.17 6.23 -21.65
N PRO B 207 5.00 5.44 -22.37
CA PRO B 207 4.94 3.97 -22.29
C PRO B 207 5.61 3.44 -21.02
N LEU B 208 4.97 3.71 -19.91
CA LEU B 208 5.48 3.43 -18.54
C LEU B 208 4.50 2.48 -17.87
N ASP B 209 5.01 1.44 -17.21
CA ASP B 209 4.21 0.53 -16.41
C ASP B 209 4.87 0.48 -15.03
N TRP B 210 4.10 0.79 -14.00
CA TRP B 210 4.65 1.02 -12.65
C TRP B 210 4.09 -0.10 -11.76
N THR B 211 4.94 -0.63 -10.92
CA THR B 211 4.50 -1.64 -9.92
C THR B 211 5.05 -1.32 -8.53
N VAL B 212 4.34 -1.84 -7.55
CA VAL B 212 4.77 -1.86 -6.15
C VAL B 212 4.56 -3.31 -5.64
N GLY B 213 5.29 -3.70 -4.64
CA GLY B 213 5.15 -5.05 -4.09
C GLY B 213 3.85 -5.21 -3.35
N ALA B 214 3.16 -6.33 -3.59
CA ALA B 214 1.88 -6.62 -2.92
C ALA B 214 2.03 -6.65 -1.43
N ALA B 215 3.12 -7.19 -0.90
CA ALA B 215 3.30 -7.36 0.54
C ALA B 215 4.00 -6.15 1.15
N THR B 216 4.51 -5.22 0.35
CA THR B 216 5.18 -4.03 0.89
C THR B 216 4.19 -3.28 1.77
N PRO B 217 4.60 -2.78 2.94
CA PRO B 217 3.70 -1.94 3.73
C PRO B 217 3.21 -0.77 2.89
N THR B 218 1.93 -0.43 3.06
CA THR B 218 1.33 0.63 2.23
C THR B 218 2.13 1.94 2.30
N GLU B 219 2.63 2.30 3.47
N GLU B 219 2.62 2.28 3.48
CA GLU B 219 3.33 3.59 3.60
CA GLU B 219 3.39 3.54 3.69
C GLU B 219 4.60 3.65 2.73
C GLU B 219 4.56 3.64 2.70
N SER B 220 5.22 2.53 2.40
CA SER B 220 6.55 2.63 1.74
C SER B 220 6.48 3.31 0.38
N PHE B 221 5.53 2.92 -0.46
CA PHE B 221 5.44 3.47 -1.82
C PHE B 221 4.05 3.95 -2.13
N PHE B 222 3.32 4.37 -1.09
CA PHE B 222 2.03 5.04 -1.24
C PHE B 222 2.14 6.13 -2.30
N ASP B 223 3.18 6.95 -2.24
CA ASP B 223 3.33 8.09 -3.15
C ASP B 223 3.42 7.63 -4.60
N ASN B 224 4.01 6.46 -4.87
CA ASN B 224 4.11 5.96 -6.24
C ASN B 224 2.69 5.74 -6.79
N ILE B 225 1.80 5.16 -5.97
CA ILE B 225 0.43 4.82 -6.42
C ILE B 225 -0.31 6.11 -6.74
N VAL B 226 -0.15 7.11 -5.89
CA VAL B 226 -0.81 8.42 -6.09
C VAL B 226 -0.28 9.06 -7.36
N THR B 227 1.05 9.13 -7.51
CA THR B 227 1.64 9.78 -8.66
C THR B 227 1.24 9.08 -9.95
N ALA B 228 1.34 7.76 -10.02
CA ALA B 228 1.02 7.03 -11.21
C ALA B 228 -0.46 7.33 -11.58
N THR B 229 -1.36 7.24 -10.61
CA THR B 229 -2.78 7.47 -10.87
C THR B 229 -3.03 8.88 -11.40
N LYS B 230 -2.41 9.88 -10.79
CA LYS B 230 -2.52 11.28 -11.27
C LYS B 230 -2.08 11.42 -12.72
N ALA B 231 -1.06 10.66 -13.13
CA ALA B 231 -0.47 10.74 -14.47
C ALA B 231 -1.20 9.85 -15.46
N GLY B 232 -2.18 9.06 -15.03
CA GLY B 232 -2.86 8.03 -15.82
C GLY B 232 -1.96 6.90 -16.29
N VAL B 233 -0.88 6.65 -15.57
CA VAL B 233 0.13 5.63 -15.86
C VAL B 233 -0.38 4.31 -15.28
N ASN B 234 -0.25 3.25 -16.05
N ASN B 234 -0.23 3.23 -16.02
CA ASN B 234 -0.58 1.90 -15.57
CA ASN B 234 -0.66 1.89 -15.59
C ASN B 234 0.13 1.69 -14.22
C ASN B 234 0.12 1.51 -14.31
N ILE B 235 -0.60 1.19 -13.24
CA ILE B 235 -0.03 0.94 -11.90
C ILE B 235 -0.66 -0.33 -11.36
N GLY B 236 0.19 -1.24 -10.90
CA GLY B 236 -0.27 -2.52 -10.39
C GLY B 236 0.72 -3.12 -9.44
N LEU B 237 0.51 -4.37 -9.08
CA LEU B 237 1.32 -5.04 -8.05
C LEU B 237 2.02 -6.28 -8.62
N LEU B 238 3.15 -6.55 -8.05
CA LEU B 238 3.85 -7.83 -8.21
C LEU B 238 3.85 -8.50 -6.84
N PRO B 239 3.91 -9.83 -6.79
CA PRO B 239 4.07 -10.51 -5.51
C PRO B 239 5.38 -10.11 -4.82
N GLY B 240 5.36 -10.21 -3.52
CA GLY B 240 6.56 -9.98 -2.72
C GLY B 240 6.72 -8.50 -2.40
N MET B 241 7.93 -8.02 -2.30
CA MET B 241 8.25 -6.69 -1.81
C MET B 241 9.19 -5.98 -2.80
N HIS B 242 10.42 -5.74 -2.43
CA HIS B 242 11.34 -4.89 -3.20
C HIS B 242 12.10 -5.66 -4.27
N PHE B 243 12.14 -7.01 -4.22
CA PHE B 243 12.98 -7.78 -5.14
C PHE B 243 12.15 -8.88 -5.78
N PRO B 244 11.12 -8.53 -6.59
CA PRO B 244 10.27 -9.58 -7.17
C PRO B 244 11.05 -10.56 -8.05
N TYR B 245 12.14 -10.08 -8.65
CA TYR B 245 12.99 -10.95 -9.51
C TYR B 245 13.72 -12.02 -8.67
N VAL B 246 13.86 -11.78 -7.36
CA VAL B 246 14.46 -12.79 -6.44
C VAL B 246 13.33 -13.62 -5.86
N SER B 247 12.30 -12.99 -5.28
CA SER B 247 11.29 -13.71 -4.48
C SER B 247 10.40 -14.53 -5.40
N HIS B 248 10.08 -14.01 -6.58
CA HIS B 248 9.08 -14.62 -7.49
C HIS B 248 9.59 -14.52 -8.92
N PRO B 249 10.70 -15.19 -9.25
CA PRO B 249 11.34 -15.01 -10.56
C PRO B 249 10.43 -15.38 -11.74
N ASP B 250 9.58 -16.41 -11.61
CA ASP B 250 8.74 -16.83 -12.75
C ASP B 250 7.61 -15.83 -12.97
N VAL B 251 7.03 -15.29 -11.91
CA VAL B 251 5.98 -14.23 -12.06
C VAL B 251 6.65 -12.99 -12.66
N PHE B 252 7.80 -12.62 -12.12
CA PHE B 252 8.56 -11.46 -12.65
C PHE B 252 8.80 -11.64 -14.15
N ALA B 253 9.33 -12.79 -14.55
CA ALA B 253 9.64 -13.02 -15.98
C ALA B 253 8.37 -12.89 -16.83
N LYS B 254 7.28 -13.46 -16.37
CA LYS B 254 6.02 -13.40 -17.14
C LYS B 254 5.55 -11.95 -17.29
N TYR B 255 5.70 -11.14 -16.23
CA TYR B 255 5.29 -9.75 -16.26
C TYR B 255 6.13 -9.00 -17.27
N VAL B 256 7.46 -9.18 -17.26
CA VAL B 256 8.35 -8.51 -18.21
C VAL B 256 8.00 -8.91 -19.66
N VAL B 257 7.79 -10.19 -19.87
CA VAL B 257 7.45 -10.69 -21.24
C VAL B 257 6.12 -10.09 -21.69
N GLU B 258 5.07 -10.21 -20.87
CA GLU B 258 3.71 -9.75 -21.25
C GLU B 258 3.74 -8.25 -21.51
N THR B 259 4.40 -7.47 -20.62
CA THR B 259 4.43 -6.02 -20.77
C THR B 259 5.19 -5.64 -22.05
N THR B 260 6.27 -6.29 -22.36
CA THR B 260 7.04 -6.03 -23.58
C THR B 260 6.17 -6.36 -24.79
N GLN B 261 5.49 -7.47 -24.71
CA GLN B 261 4.60 -7.87 -25.82
C GLN B 261 3.49 -6.85 -26.04
N LYS B 262 2.89 -6.32 -24.97
CA LYS B 262 1.83 -5.31 -25.06
C LYS B 262 2.38 -4.11 -25.82
N HIS B 263 3.59 -3.66 -25.50
CA HIS B 263 4.14 -2.46 -26.17
C HIS B 263 4.58 -2.78 -27.61
N LEU B 264 4.99 -4.00 -27.92
CA LEU B 264 5.34 -4.34 -29.29
C LEU B 264 4.07 -4.29 -30.13
N TRP B 265 2.93 -4.69 -29.57
CA TRP B 265 1.63 -4.67 -30.30
C TRP B 265 1.28 -3.21 -30.55
N ASN B 266 1.33 -2.40 -29.49
CA ASN B 266 0.86 -1.00 -29.53
C ASN B 266 1.76 -0.21 -30.45
N SER B 267 3.05 -0.53 -30.50
CA SER B 267 4.05 0.18 -31.34
C SER B 267 3.69 0.00 -32.82
N SER B 268 3.35 -1.22 -33.22
CA SER B 268 2.94 -1.56 -34.62
C SER B 268 1.60 -0.88 -34.93
N SER B 269 0.71 -0.76 -33.95
CA SER B 269 -0.66 -0.22 -34.15
C SER B 269 -0.56 1.28 -34.47
CAA C3L C . -12.00 -7.11 1.41
CAF C3L C . -11.57 -8.38 6.18
CAG C3L C . -12.32 -7.43 5.61
CAH C3L C . -15.31 -8.93 2.93
CAI C3L C . -13.09 -9.01 3.84
CAJ C3L C . -10.49 -8.06 7.18
CAK C3L C . -9.25 -8.80 6.70
CAL C3L C . -8.71 -6.76 1.87
CAM C3L C . -9.62 -6.17 0.75
CAN C3L C . -9.06 -8.73 5.17
CAO C3L C . -9.38 -7.04 3.25
CAQ C3L C . -15.00 -6.25 5.40
CAR C3L C . -14.05 -9.52 2.96
CAS C3L C . -15.52 -7.85 3.73
CAT C3L C . -13.35 -7.88 4.62
CAU C3L C . -14.57 -7.36 4.54
CAV C3L C . -11.13 -5.97 0.92
CAW C3L C . -8.61 -7.38 4.58
OAB C3L C . -16.27 -6.01 5.64
OAC C3L C . -13.79 -10.65 2.25
OAD C3L C . -16.73 -7.37 3.73
OAE C3L C . -7.19 -7.55 4.48
OAP C3L C . -14.02 -5.70 5.88
OAV C3L C . -11.92 -5.76 -0.32
C1 GOL D . -29.21 12.77 22.84
O1 GOL D . -28.71 12.45 21.52
C2 GOL D . -30.49 12.01 23.20
O2 GOL D . -31.59 12.45 22.39
C3 GOL D . -30.88 12.26 24.64
O3 GOL D . -31.42 13.57 24.77
C1 GOL E . -24.41 -0.89 -5.39
O1 GOL E . -24.10 -2.28 -5.48
C2 GOL E . -23.17 -0.04 -5.36
O2 GOL E . -22.52 -0.02 -6.63
C3 GOL E . -23.50 1.37 -4.93
O3 GOL E . -24.65 1.84 -5.62
C1 GOL F . -28.15 -5.27 27.14
O1 GOL F . -26.71 -5.24 27.19
C2 GOL F . -28.65 -4.94 25.74
O2 GOL F . -27.94 -3.79 25.31
C3 GOL F . -30.13 -4.64 25.64
O3 GOL F . -30.78 -5.29 24.54
K K G . -1.77 6.46 20.10
CAA C3L H . 12.98 5.97 -0.34
CAF C3L H . 15.55 1.55 0.55
CAG C3L H . 15.47 2.26 -0.57
CAH C3L H . 17.08 6.21 -0.32
CAI C3L H . 15.97 4.34 0.64
CAJ C3L H . 14.99 0.16 0.75
CAK C3L H . 14.40 0.12 2.14
CAL C3L H . 11.84 3.43 0.70
CAM C3L H . 10.92 4.64 0.44
CAN C3L H . 13.44 1.29 2.43
CAO C3L H . 11.32 2.50 1.80
CAQ C3L H . 16.86 3.59 -2.91
CAR C3L H . 16.48 5.63 0.74
CAS C3L H . 17.15 5.50 -1.48
CAT C3L H . 16.05 3.63 -0.56
CAU C3L H . 16.65 4.25 -1.60
CAV C3L H . 11.53 5.57 -0.59
CAW C3L H . 12.02 1.13 1.88
OAB C3L H . 17.93 3.78 -3.59
OAC C3L H . 16.44 6.30 1.91
OAD C3L H . 17.73 6.05 -2.51
OAE C3L H . 11.27 0.32 2.77
OAP C3L H . 15.99 2.80 -3.15
OAV C3L H . 10.89 6.81 -0.70
C1 GOL I . 35.93 0.63 -5.69
O1 GOL I . 35.60 0.74 -7.07
C2 GOL I . 34.80 1.19 -4.90
O2 GOL I . 33.59 0.61 -5.41
C3 GOL I . 34.95 0.99 -3.41
O3 GOL I . 34.44 2.10 -2.69
C1 GOL J . 16.05 -16.18 -8.19
O1 GOL J . 15.40 -16.31 -6.91
C2 GOL J . 17.40 -15.47 -8.09
O2 GOL J . 17.14 -14.08 -7.96
C3 GOL J . 18.45 -15.63 -9.18
O3 GOL J . 17.98 -16.42 -10.28
C1 GOL K . 11.06 -11.34 5.56
O1 GOL K . 10.76 -12.72 5.50
C2 GOL K . 10.26 -10.60 4.53
O2 GOL K . 8.88 -10.46 4.92
C3 GOL K . 10.80 -9.21 4.30
O3 GOL K . 10.32 -8.72 3.08
K K L . 7.77 -17.34 -9.11
#